data_6ILR
#
_entry.id   6ILR
#
_cell.length_a   99.040
_cell.length_b   99.040
_cell.length_c   165.458
_cell.angle_alpha   90.00
_cell.angle_beta   90.00
_cell.angle_gamma   90.00
#
_symmetry.space_group_name_H-M   'P 42 21 2'
#
loop_
_entity.id
_entity.type
_entity.pdbx_description
1 polymer Ribokinase
2 non-polymer 'TETRAETHYLENE GLYCOL'
3 non-polymer 'SODIUM ION'
4 water water
#
_entity_poly.entity_id   1
_entity_poly.type   'polypeptide(L)'
_entity_poly.pdbx_seq_one_letter_code
;MAPPLVVVGSANADIYVEIERLPKEGETISAKTGQTLAGGKGANQAACGAKLMYPTYFVGRLGEDAHGKLIAEALGDDGC
GVHLDYVRSVNNEPTGHAVVMLQSDGQNSIIIVGGANMKAWPEIMSDDDLEIVRNAGIVLLQREIPDSINIQVAKAVKKA
GVPVILDVGGMDTPIPNELLDSIDILSPNETELSRLTGMPTETFEQISQAVAKCHKLGVKQVLVKLGSKGSALFIQGEKP
IQQSIIPAAQVVDTTGAGDTFTAAFAVAMVEGKSHEECLRFAAAAASLCVQVKGAIPSMPDRKSVLKLLKFSI
;
_entity_poly.pdbx_strand_id   A,B
#
loop_
_chem_comp.id
_chem_comp.type
_chem_comp.name
_chem_comp.formula
NA non-polymer 'SODIUM ION' 'Na 1'
PG4 non-polymer 'TETRAETHYLENE GLYCOL' 'C8 H18 O5'
#
# COMPACT_ATOMS: atom_id res chain seq x y z
N MET A 1 34.26 -8.12 7.47
CA MET A 1 35.32 -9.07 7.19
C MET A 1 34.90 -10.49 7.55
N ALA A 2 33.98 -10.61 8.49
CA ALA A 2 33.41 -11.91 8.83
C ALA A 2 32.51 -12.38 7.69
N PRO A 3 32.52 -13.70 7.41
CA PRO A 3 31.66 -14.27 6.38
C PRO A 3 30.19 -13.97 6.69
N PRO A 4 29.48 -13.30 5.75
CA PRO A 4 28.18 -12.71 6.06
C PRO A 4 27.03 -13.71 6.21
N LEU A 5 26.06 -13.29 7.01
CA LEU A 5 24.74 -13.88 6.94
C LEU A 5 24.15 -13.47 5.60
N VAL A 6 23.70 -14.44 4.82
CA VAL A 6 23.02 -14.11 3.58
C VAL A 6 21.60 -14.66 3.60
N VAL A 7 20.63 -13.75 3.54
CA VAL A 7 19.23 -14.14 3.54
C VAL A 7 18.67 -14.02 2.13
N VAL A 8 18.15 -15.13 1.64
CA VAL A 8 17.51 -15.14 0.34
C VAL A 8 16.04 -15.38 0.56
N GLY A 9 15.20 -14.45 0.15
CA GLY A 9 13.79 -14.60 0.45
C GLY A 9 12.90 -13.42 0.13
N SER A 10 11.79 -13.34 0.87
CA SER A 10 10.70 -12.45 0.53
C SER A 10 10.75 -11.10 1.22
N ALA A 11 10.16 -10.10 0.56
CA ALA A 11 9.97 -8.78 1.14
C ALA A 11 8.55 -8.33 0.82
N ASN A 12 7.84 -7.90 1.87
CA ASN A 12 6.42 -7.54 1.77
C ASN A 12 6.10 -6.20 2.40
N ALA A 13 5.20 -5.45 1.78
CA ALA A 13 4.60 -4.32 2.46
C ALA A 13 3.36 -4.85 3.17
N ASP A 14 3.31 -4.67 4.48
CA ASP A 14 2.14 -5.13 5.24
C ASP A 14 1.20 -3.95 5.44
N ILE A 15 0.05 -4.02 4.77
CA ILE A 15 -0.93 -2.94 4.82
C ILE A 15 -2.03 -3.24 5.84
N TYR A 16 -1.89 -2.68 7.04
CA TYR A 16 -2.87 -2.89 8.10
C TYR A 16 -3.96 -1.83 8.05
N VAL A 17 -5.21 -2.27 8.09
CA VAL A 17 -6.34 -1.36 8.21
C VAL A 17 -7.30 -1.82 9.31
N GLU A 18 -7.67 -0.90 10.20
CA GLU A 18 -8.67 -1.17 11.23
C GLU A 18 -10.05 -0.73 10.75
N ILE A 19 -10.95 -1.69 10.58
CA ILE A 19 -12.28 -1.37 10.05
C ILE A 19 -13.40 -1.91 10.94
N GLU A 20 -14.58 -1.32 10.81
CA GLU A 20 -15.76 -1.80 11.52
C GLU A 20 -16.17 -3.16 10.97
N ARG A 21 -16.64 -3.18 9.73
CA ARG A 21 -17.02 -4.41 9.05
C ARG A 21 -16.40 -4.48 7.66
N LEU A 22 -16.57 -5.62 7.01
CA LEU A 22 -16.10 -5.80 5.64
C LEU A 22 -17.04 -5.14 4.65
N PRO A 23 -16.50 -4.57 3.56
CA PRO A 23 -17.33 -3.96 2.51
C PRO A 23 -18.02 -5.02 1.65
N LYS A 24 -19.03 -4.62 0.88
CA LYS A 24 -19.71 -5.53 -0.04
C LYS A 24 -19.46 -5.10 -1.48
N GLU A 25 -19.91 -5.91 -2.43
CA GLU A 25 -19.70 -5.61 -3.86
C GLU A 25 -20.32 -4.28 -4.24
N GLY A 26 -19.54 -3.44 -4.93
CA GLY A 26 -19.99 -2.12 -5.33
C GLY A 26 -20.21 -1.20 -4.14
N GLU A 27 -19.22 -1.12 -3.26
CA GLU A 27 -19.35 -0.35 -2.03
C GLU A 27 -18.02 0.23 -1.56
N THR A 28 -18.09 1.42 -0.96
CA THR A 28 -16.93 2.07 -0.36
C THR A 28 -17.15 2.28 1.13
N ILE A 29 -16.17 1.90 1.95
CA ILE A 29 -16.24 2.17 3.38
C ILE A 29 -15.00 2.93 3.85
N SER A 30 -14.99 3.27 5.14
CA SER A 30 -13.88 4.01 5.74
C SER A 30 -13.30 3.26 6.92
N ALA A 31 -11.99 3.43 7.15
CA ALA A 31 -11.32 2.73 8.23
C ALA A 31 -10.99 3.67 9.38
N LYS A 32 -10.83 3.10 10.57
CA LYS A 32 -10.49 3.87 11.75
C LYS A 32 -9.07 4.43 11.61
N THR A 33 -8.12 3.53 11.37
CA THR A 33 -6.75 3.92 11.05
C THR A 33 -6.20 2.98 9.98
N GLY A 34 -4.96 3.20 9.61
CA GLY A 34 -4.30 2.39 8.61
C GLY A 34 -2.82 2.68 8.62
N GLN A 35 -2.01 1.63 8.53
CA GLN A 35 -0.57 1.79 8.48
C GLN A 35 0.06 0.75 7.57
N THR A 36 1.06 1.16 6.80
CA THR A 36 1.76 0.25 5.90
C THR A 36 3.20 0.09 6.37
N LEU A 37 3.60 -1.17 6.60
CA LEU A 37 4.87 -1.46 7.21
C LEU A 37 5.68 -2.46 6.38
N ALA A 38 6.99 -2.32 6.45
CA ALA A 38 7.90 -3.25 5.79
C ALA A 38 7.83 -4.57 6.53
N GLY A 39 7.72 -5.66 5.77
CA GLY A 39 7.71 -6.99 6.34
C GLY A 39 8.12 -8.06 5.35
N GLY A 40 7.58 -9.27 5.52
CA GLY A 40 8.00 -10.42 4.75
C GLY A 40 9.05 -11.17 5.54
N LYS A 41 9.05 -12.50 5.44
CA LYS A 41 9.96 -13.30 6.26
C LYS A 41 11.44 -13.07 5.95
N GLY A 42 11.78 -12.98 4.66
CA GLY A 42 13.16 -12.72 4.28
C GLY A 42 13.64 -11.38 4.81
N ALA A 43 12.84 -10.34 4.57
CA ALA A 43 13.23 -9.01 4.99
C ALA A 43 13.32 -8.93 6.52
N ASN A 44 12.39 -9.58 7.24
CA ASN A 44 12.45 -9.59 8.71
C ASN A 44 13.73 -10.22 9.22
N GLN A 45 14.06 -11.40 8.70
CA GLN A 45 15.26 -12.12 9.15
C GLN A 45 16.54 -11.35 8.79
N ALA A 46 16.58 -10.73 7.61
CA ALA A 46 17.72 -9.89 7.25
C ALA A 46 17.86 -8.68 8.19
N ALA A 47 16.73 -8.03 8.47
CA ALA A 47 16.72 -6.88 9.38
C ALA A 47 17.26 -7.29 10.76
N CYS A 48 16.84 -8.45 11.23
CA CYS A 48 17.26 -8.93 12.54
C CYS A 48 18.78 -9.10 12.60
N GLY A 49 19.33 -9.82 11.62
CA GLY A 49 20.76 -10.04 11.53
C GLY A 49 21.55 -8.75 11.51
N ALA A 50 21.07 -7.76 10.76
CA ALA A 50 21.78 -6.49 10.66
C ALA A 50 21.76 -5.72 11.97
N LYS A 51 20.60 -5.78 12.64
CA LYS A 51 20.36 -5.08 13.92
C LYS A 51 21.16 -5.74 15.03
N LEU A 52 21.56 -7.00 14.83
CA LEU A 52 22.43 -7.73 15.79
C LEU A 52 23.87 -7.39 15.49
N MET A 53 24.10 -6.39 14.63
CA MET A 53 25.45 -5.91 14.23
C MET A 53 26.27 -7.01 13.59
N TYR A 54 25.64 -7.89 12.82
CA TYR A 54 26.39 -8.93 12.06
C TYR A 54 26.22 -8.63 10.57
N PRO A 55 27.29 -8.68 9.77
CA PRO A 55 27.20 -8.39 8.33
C PRO A 55 26.15 -9.25 7.62
N THR A 56 25.15 -8.58 7.07
CA THR A 56 23.99 -9.29 6.52
C THR A 56 23.60 -8.75 5.14
N TYR A 57 23.44 -9.67 4.20
CA TYR A 57 22.98 -9.37 2.85
C TYR A 57 21.59 -9.94 2.67
N PHE A 58 20.74 -9.21 1.96
CA PHE A 58 19.43 -9.72 1.59
C PHE A 58 19.34 -9.86 0.08
N VAL A 59 19.04 -11.08 -0.38
CA VAL A 59 18.78 -11.34 -1.80
C VAL A 59 17.29 -11.49 -2.01
N GLY A 60 16.69 -10.54 -2.72
CA GLY A 60 15.25 -10.56 -2.89
C GLY A 60 14.85 -9.80 -4.16
N ARG A 61 13.57 -9.80 -4.46
CA ARG A 61 13.07 -9.12 -5.64
C ARG A 61 11.96 -8.18 -5.25
N LEU A 62 12.06 -6.93 -5.73
CA LEU A 62 11.06 -5.89 -5.47
C LEU A 62 10.44 -5.39 -6.77
N GLY A 63 9.32 -4.68 -6.64
CA GLY A 63 8.79 -3.93 -7.76
C GLY A 63 9.38 -2.53 -7.76
N GLU A 64 9.35 -1.85 -8.90
CA GLU A 64 9.76 -0.46 -8.96
C GLU A 64 8.57 0.40 -8.59
N ASP A 65 8.25 0.44 -7.30
CA ASP A 65 7.04 1.09 -6.79
C ASP A 65 7.29 1.58 -5.37
N ALA A 66 6.30 2.24 -4.78
CA ALA A 66 6.45 2.82 -3.45
C ALA A 66 6.74 1.78 -2.36
N HIS A 67 6.10 0.62 -2.47
CA HIS A 67 6.32 -0.42 -1.47
C HIS A 67 7.76 -0.94 -1.52
N GLY A 68 8.34 -0.94 -2.72
CA GLY A 68 9.74 -1.31 -2.85
C GLY A 68 10.65 -0.32 -2.15
N LYS A 69 10.36 0.95 -2.32
CA LYS A 69 11.14 1.99 -1.64
C LYS A 69 11.00 1.88 -0.12
N LEU A 70 9.78 1.61 0.33
CA LEU A 70 9.51 1.39 1.75
C LEU A 70 10.43 0.33 2.34
N ILE A 71 10.49 -0.83 1.69
CA ILE A 71 11.36 -1.93 2.12
C ILE A 71 12.81 -1.49 2.18
N ALA A 72 13.28 -0.93 1.07
CA ALA A 72 14.68 -0.56 0.96
C ALA A 72 15.08 0.47 2.02
N GLU A 73 14.16 1.36 2.37
CA GLU A 73 14.47 2.38 3.37
C GLU A 73 14.51 1.75 4.75
N ALA A 74 13.61 0.80 5.02
CA ALA A 74 13.61 0.11 6.31
C ALA A 74 14.86 -0.74 6.49
N LEU A 75 15.34 -1.33 5.41
CA LEU A 75 16.44 -2.29 5.50
C LEU A 75 17.84 -1.70 5.34
N GLY A 76 17.96 -0.62 4.58
CA GLY A 76 19.25 -0.11 4.17
C GLY A 76 19.98 0.82 5.12
N ASP A 77 20.83 1.68 4.57
CA ASP A 77 21.73 2.55 5.34
C ASP A 77 21.03 3.39 6.40
N ASP A 78 19.83 3.87 6.08
CA ASP A 78 19.09 4.73 7.00
C ASP A 78 18.18 3.93 7.91
N GLY A 79 18.31 2.61 7.85
CA GLY A 79 17.45 1.71 8.60
C GLY A 79 18.29 0.69 9.33
N CYS A 80 18.09 -0.58 9.00
CA CYS A 80 18.73 -1.66 9.74
C CYS A 80 20.19 -1.88 9.37
N GLY A 81 20.61 -1.39 8.21
CA GLY A 81 21.98 -1.58 7.78
C GLY A 81 22.24 -2.91 7.07
N VAL A 82 21.20 -3.49 6.49
CA VAL A 82 21.36 -4.64 5.61
C VAL A 82 22.07 -4.21 4.32
N HIS A 83 22.93 -5.05 3.78
CA HIS A 83 23.51 -4.80 2.47
C HIS A 83 22.53 -5.22 1.38
N LEU A 84 22.14 -4.28 0.54
CA LEU A 84 21.10 -4.52 -0.45
C LEU A 84 21.66 -4.68 -1.86
N ASP A 85 22.95 -5.02 -1.97
CA ASP A 85 23.61 -5.11 -3.27
C ASP A 85 22.92 -6.10 -4.21
N TYR A 86 22.28 -7.13 -3.65
CA TYR A 86 21.69 -8.19 -4.48
C TYR A 86 20.16 -8.18 -4.50
N VAL A 87 19.57 -7.06 -4.11
CA VAL A 87 18.14 -6.84 -4.27
C VAL A 87 17.89 -6.23 -5.64
N ARG A 88 17.07 -6.89 -6.46
CA ARG A 88 16.77 -6.35 -7.79
C ARG A 88 15.34 -5.90 -7.87
N SER A 89 15.10 -4.81 -8.60
CA SER A 89 13.75 -4.30 -8.80
C SER A 89 13.33 -4.52 -10.24
N VAL A 90 12.06 -4.84 -10.45
CA VAL A 90 11.52 -5.03 -11.80
C VAL A 90 10.35 -4.09 -12.06
N ASN A 91 10.09 -3.78 -13.32
CA ASN A 91 9.03 -2.82 -13.63
C ASN A 91 7.73 -3.49 -14.08
N ASN A 92 7.70 -4.82 -14.11
CA ASN A 92 6.50 -5.52 -14.58
C ASN A 92 5.80 -6.30 -13.48
N GLU A 93 6.26 -6.15 -12.24
CA GLU A 93 5.63 -6.80 -11.10
C GLU A 93 5.61 -5.84 -9.92
N PRO A 94 4.53 -5.89 -9.13
CA PRO A 94 4.50 -5.10 -7.89
C PRO A 94 5.31 -5.77 -6.79
N THR A 95 5.87 -4.96 -5.91
CA THR A 95 6.41 -5.45 -4.65
C THR A 95 5.35 -6.29 -3.97
N GLY A 96 5.76 -7.41 -3.39
CA GLY A 96 4.82 -8.26 -2.68
C GLY A 96 4.17 -7.51 -1.53
N HIS A 97 2.90 -7.80 -1.27
CA HIS A 97 2.20 -7.16 -0.17
C HIS A 97 1.01 -7.97 0.34
N ALA A 98 0.60 -7.64 1.56
CA ALA A 98 -0.56 -8.26 2.20
C ALA A 98 -1.47 -7.18 2.77
N VAL A 99 -2.77 -7.31 2.51
CA VAL A 99 -3.76 -6.40 3.07
C VAL A 99 -4.40 -7.06 4.28
N VAL A 100 -4.06 -6.57 5.47
CA VAL A 100 -4.59 -7.12 6.71
C VAL A 100 -5.72 -6.25 7.27
N MET A 101 -6.94 -6.75 7.14
CA MET A 101 -8.11 -6.03 7.62
C MET A 101 -8.56 -6.54 8.99
N LEU A 102 -8.20 -5.80 10.03
CA LEU A 102 -8.61 -6.09 11.39
C LEU A 102 -10.01 -5.55 11.65
N GLN A 103 -10.98 -6.44 11.85
CA GLN A 103 -12.36 -6.03 12.10
C GLN A 103 -12.58 -5.65 13.56
N SER A 104 -13.75 -5.12 13.86
CA SER A 104 -14.11 -4.67 15.21
C SER A 104 -13.89 -5.76 16.26
N ASP A 105 -14.14 -7.01 15.84
CA ASP A 105 -13.96 -8.17 16.71
C ASP A 105 -12.52 -8.39 17.11
N GLY A 106 -11.98 -9.47 16.55
CA GLY A 106 -10.58 -9.83 16.66
C GLY A 106 -10.34 -10.69 15.43
N GLN A 107 -11.32 -10.66 14.52
CA GLN A 107 -11.27 -11.41 13.28
C GLN A 107 -10.51 -10.68 12.18
N ASN A 108 -9.57 -11.38 11.55
CA ASN A 108 -8.71 -10.79 10.52
C ASN A 108 -8.98 -11.41 9.17
N SER A 109 -9.29 -10.57 8.18
CA SER A 109 -9.36 -11.01 6.79
C SER A 109 -8.13 -10.53 6.04
N ILE A 110 -7.45 -11.44 5.35
CA ILE A 110 -6.18 -11.11 4.73
C ILE A 110 -6.16 -11.43 3.23
N ILE A 111 -5.68 -10.49 2.43
CA ILE A 111 -5.42 -10.75 1.03
C ILE A 111 -3.91 -10.74 0.82
N ILE A 112 -3.39 -11.77 0.15
CA ILE A 112 -1.96 -11.88 -0.13
C ILE A 112 -1.68 -11.67 -1.61
N VAL A 113 -0.72 -10.79 -1.90
CA VAL A 113 -0.24 -10.61 -3.27
C VAL A 113 1.23 -11.03 -3.38
N GLY A 114 1.46 -12.14 -4.08
CA GLY A 114 2.81 -12.66 -4.25
C GLY A 114 3.73 -11.63 -4.87
N GLY A 115 3.28 -11.05 -5.98
CA GLY A 115 4.03 -10.00 -6.64
C GLY A 115 5.43 -10.47 -7.00
N ALA A 116 6.39 -9.58 -6.84
CA ALA A 116 7.77 -9.87 -7.25
C ALA A 116 8.39 -11.04 -6.48
N ASN A 117 7.93 -11.30 -5.24
CA ASN A 117 8.48 -12.42 -4.46
C ASN A 117 8.34 -13.73 -5.20
N MET A 118 7.20 -13.88 -5.88
CA MET A 118 6.88 -15.12 -6.59
C MET A 118 7.13 -15.03 -8.09
N LYS A 119 7.15 -13.81 -8.64
CA LYS A 119 7.11 -13.69 -10.10
C LYS A 119 8.27 -12.94 -10.74
N ALA A 120 9.18 -12.36 -9.95
CA ALA A 120 10.24 -11.54 -10.54
C ALA A 120 11.60 -12.22 -10.59
N TRP A 121 11.66 -13.45 -10.10
CA TRP A 121 12.89 -14.22 -10.14
C TRP A 121 13.14 -14.76 -11.53
N PRO A 122 14.41 -14.95 -11.90
CA PRO A 122 14.77 -15.55 -13.20
C PRO A 122 14.51 -17.05 -13.21
N GLU A 123 14.42 -17.63 -14.40
CA GLU A 123 14.32 -19.09 -14.54
C GLU A 123 15.53 -19.75 -13.89
N ILE A 124 16.70 -19.17 -14.14
CA ILE A 124 17.95 -19.70 -13.62
C ILE A 124 18.71 -18.61 -12.88
N MET A 125 19.13 -18.87 -11.64
CA MET A 125 19.83 -17.86 -10.85
C MET A 125 21.08 -17.35 -11.57
N SER A 126 21.28 -16.04 -11.52
CA SER A 126 22.49 -15.43 -12.08
C SER A 126 23.72 -15.86 -11.29
N ASP A 127 24.88 -15.87 -11.94
CA ASP A 127 26.10 -16.25 -11.26
C ASP A 127 26.48 -15.24 -10.17
N ASP A 128 26.04 -13.99 -10.34
CA ASP A 128 26.23 -12.96 -9.31
C ASP A 128 25.56 -13.38 -8.02
N ASP A 129 24.28 -13.71 -8.11
CA ASP A 129 23.52 -14.09 -6.93
C ASP A 129 24.13 -15.32 -6.26
N LEU A 130 24.61 -16.28 -7.05
CA LEU A 130 25.15 -17.49 -6.45
C LEU A 130 26.51 -17.23 -5.81
N GLU A 131 27.18 -16.16 -6.25
CA GLU A 131 28.48 -15.85 -5.69
C GLU A 131 28.38 -15.40 -4.24
N ILE A 132 27.40 -14.55 -3.92
CA ILE A 132 27.28 -14.05 -2.55
C ILE A 132 26.94 -15.19 -1.59
N VAL A 133 26.13 -16.15 -2.02
CA VAL A 133 25.77 -17.24 -1.11
C VAL A 133 26.96 -18.20 -0.96
N ARG A 134 27.75 -18.35 -2.01
CA ARG A 134 28.94 -19.20 -1.93
C ARG A 134 29.99 -18.59 -1.01
N ASN A 135 29.91 -17.28 -0.80
CA ASN A 135 30.84 -16.59 0.08
C ASN A 135 30.25 -16.33 1.46
N ALA A 136 29.08 -16.91 1.71
CA ALA A 136 28.35 -16.68 2.96
C ALA A 136 28.96 -17.46 4.11
N GLY A 137 28.72 -16.98 5.32
CA GLY A 137 29.04 -17.75 6.52
C GLY A 137 27.89 -18.70 6.81
N ILE A 138 26.69 -18.21 6.55
CA ILE A 138 25.49 -19.01 6.71
C ILE A 138 24.39 -18.38 5.85
N VAL A 139 23.49 -19.22 5.33
CA VAL A 139 22.44 -18.79 4.43
C VAL A 139 21.07 -19.11 5.01
N LEU A 140 20.16 -18.13 5.01
CA LEU A 140 18.81 -18.33 5.50
C LEU A 140 17.79 -18.30 4.37
N LEU A 141 16.92 -19.30 4.34
CA LEU A 141 15.83 -19.40 3.37
C LEU A 141 14.48 -19.53 4.05
N GLN A 142 13.40 -19.20 3.33
CA GLN A 142 12.04 -19.47 3.80
C GLN A 142 11.21 -19.96 2.62
N ARG A 143 9.91 -20.09 2.83
CA ARG A 143 9.05 -20.58 1.74
C ARG A 143 8.06 -19.53 1.23
N GLU A 144 8.56 -18.32 1.01
CA GLU A 144 7.75 -17.24 0.44
C GLU A 144 8.28 -16.78 -0.91
N ILE A 145 9.22 -17.55 -1.48
CA ILE A 145 9.67 -17.38 -2.85
C ILE A 145 9.64 -18.77 -3.51
N PRO A 146 9.78 -18.86 -4.85
CA PRO A 146 9.61 -20.18 -5.47
C PRO A 146 10.63 -21.23 -5.00
N ASP A 147 10.19 -22.48 -4.91
CA ASP A 147 11.05 -23.60 -4.57
C ASP A 147 12.28 -23.68 -5.47
N SER A 148 12.09 -23.40 -6.75
CA SER A 148 13.17 -23.46 -7.73
C SER A 148 14.37 -22.62 -7.29
N ILE A 149 14.09 -21.42 -6.80
CA ILE A 149 15.15 -20.53 -6.34
C ILE A 149 15.83 -21.06 -5.09
N ASN A 150 15.04 -21.49 -4.11
CA ASN A 150 15.59 -22.06 -2.88
C ASN A 150 16.51 -23.24 -3.18
N ILE A 151 16.15 -24.04 -4.18
CA ILE A 151 16.91 -25.24 -4.52
C ILE A 151 18.25 -24.87 -5.14
N GLN A 152 18.24 -23.97 -6.11
CA GLN A 152 19.47 -23.54 -6.77
C GLN A 152 20.45 -22.90 -5.76
N VAL A 153 19.91 -22.15 -4.81
CA VAL A 153 20.73 -21.62 -3.73
C VAL A 153 21.28 -22.74 -2.86
N ALA A 154 20.41 -23.65 -2.44
CA ALA A 154 20.79 -24.73 -1.53
C ALA A 154 21.86 -25.65 -2.12
N LYS A 155 21.78 -25.90 -3.43
CA LYS A 155 22.80 -26.70 -4.09
C LYS A 155 24.16 -26.00 -4.10
N ALA A 156 24.17 -24.69 -4.38
CA ALA A 156 25.42 -23.95 -4.46
C ALA A 156 26.18 -23.93 -3.14
N VAL A 157 25.46 -23.70 -2.06
CA VAL A 157 26.08 -23.56 -0.75
C VAL A 157 26.55 -24.90 -0.19
N LYS A 158 25.84 -25.96 -0.55
CA LYS A 158 26.19 -27.33 -0.14
C LYS A 158 27.57 -27.60 -0.76
N LYS A 159 27.71 -27.26 -2.03
CA LYS A 159 28.97 -27.37 -2.75
C LYS A 159 30.07 -26.59 -2.05
N ALA A 160 29.76 -25.37 -1.63
CA ALA A 160 30.75 -24.50 -1.01
C ALA A 160 31.00 -24.87 0.45
N GLY A 161 30.24 -25.82 0.97
CA GLY A 161 30.36 -26.21 2.37
C GLY A 161 29.86 -25.16 3.34
N VAL A 162 28.77 -24.48 2.98
CA VAL A 162 28.17 -23.42 3.80
C VAL A 162 26.83 -23.89 4.37
N PRO A 163 26.63 -23.75 5.69
CA PRO A 163 25.37 -24.21 6.31
C PRO A 163 24.15 -23.42 5.83
N VAL A 164 23.05 -24.13 5.65
CA VAL A 164 21.79 -23.58 5.17
C VAL A 164 20.66 -23.86 6.12
N ILE A 165 19.98 -22.81 6.56
CA ILE A 165 18.77 -23.00 7.35
C ILE A 165 17.54 -22.68 6.52
N LEU A 166 16.58 -23.60 6.51
CA LEU A 166 15.32 -23.39 5.82
C LEU A 166 14.14 -23.25 6.77
N ASP A 167 13.65 -22.02 6.92
CA ASP A 167 12.40 -21.74 7.63
C ASP A 167 11.20 -22.23 6.81
N VAL A 168 10.30 -23.00 7.42
CA VAL A 168 9.20 -23.62 6.68
C VAL A 168 8.02 -22.67 6.48
N GLY A 169 8.04 -21.54 7.18
CA GLY A 169 7.00 -20.54 7.04
C GLY A 169 6.79 -20.08 5.61
N GLY A 170 5.54 -19.93 5.21
CA GLY A 170 5.21 -19.54 3.85
C GLY A 170 4.14 -20.43 3.25
N MET A 171 4.43 -20.95 2.06
CA MET A 171 3.49 -21.80 1.32
C MET A 171 3.11 -23.03 2.14
N ASP A 172 1.89 -23.52 1.92
CA ASP A 172 1.41 -24.68 2.65
C ASP A 172 1.40 -25.93 1.78
N THR A 173 2.23 -25.93 0.75
CA THR A 173 2.44 -27.08 -0.12
C THR A 173 3.55 -27.95 0.45
N PRO A 174 3.71 -29.19 -0.05
CA PRO A 174 4.82 -30.01 0.48
C PRO A 174 6.22 -29.55 0.00
N ILE A 175 7.24 -29.83 0.78
CA ILE A 175 8.63 -29.47 0.45
C ILE A 175 9.29 -30.54 -0.42
N PRO A 176 9.70 -30.17 -1.65
CA PRO A 176 10.39 -31.07 -2.62
C PRO A 176 11.60 -31.73 -1.94
N ASN A 177 11.95 -33.01 -2.18
CA ASN A 177 12.94 -33.60 -1.28
C ASN A 177 14.32 -33.18 -1.81
N GLU A 178 14.34 -32.63 -3.02
CA GLU A 178 15.57 -32.05 -3.54
C GLU A 178 16.01 -30.90 -2.65
N LEU A 179 15.03 -30.19 -2.09
CA LEU A 179 15.30 -29.10 -1.19
C LEU A 179 15.68 -29.63 0.19
N LEU A 180 14.93 -30.62 0.67
CA LEU A 180 15.20 -31.24 1.97
C LEU A 180 16.59 -31.84 2.06
N ASP A 181 17.07 -32.35 0.94
CA ASP A 181 18.37 -33.03 0.89
C ASP A 181 19.55 -32.06 0.89
N SER A 182 19.30 -30.80 0.55
CA SER A 182 20.38 -29.85 0.38
C SER A 182 20.50 -28.85 1.53
N ILE A 183 19.55 -28.88 2.46
CA ILE A 183 19.62 -27.97 3.60
C ILE A 183 20.22 -28.66 4.80
N ASP A 184 20.87 -27.87 5.65
CA ASP A 184 21.49 -28.37 6.86
C ASP A 184 20.49 -28.45 8.00
N ILE A 185 19.77 -27.35 8.20
CA ILE A 185 18.86 -27.22 9.33
C ILE A 185 17.46 -26.82 8.87
N LEU A 186 16.48 -27.68 9.12
CA LEU A 186 15.09 -27.37 8.83
C LEU A 186 14.47 -26.71 10.05
N SER A 187 13.64 -25.70 9.86
CA SER A 187 13.11 -24.99 11.02
C SER A 187 11.61 -24.72 10.89
N PRO A 188 10.79 -25.65 11.40
CA PRO A 188 9.34 -25.52 11.43
C PRO A 188 8.83 -25.13 12.81
N ASN A 189 7.58 -24.69 12.89
CA ASN A 189 6.90 -24.63 14.18
C ASN A 189 6.12 -25.91 14.35
N GLU A 190 5.42 -26.05 15.49
CA GLU A 190 4.68 -27.28 15.79
C GLU A 190 3.61 -27.57 14.73
N THR A 191 3.03 -26.52 14.17
CA THR A 191 1.95 -26.66 13.20
C THR A 191 2.45 -27.07 11.81
N GLU A 192 3.55 -26.46 11.38
CA GLU A 192 4.18 -26.78 10.10
C GLU A 192 4.81 -28.16 10.11
N LEU A 193 5.42 -28.51 11.24
CA LEU A 193 6.04 -29.81 11.41
C LEU A 193 5.03 -30.95 11.28
N SER A 194 3.79 -30.71 11.72
CA SER A 194 2.73 -31.70 11.60
C SER A 194 2.23 -31.84 10.17
N ARG A 195 2.21 -30.72 9.44
CA ARG A 195 1.61 -30.70 8.11
C ARG A 195 2.48 -31.41 7.07
N LEU A 196 3.79 -31.42 7.29
CA LEU A 196 4.69 -32.05 6.34
C LEU A 196 5.17 -33.43 6.79
N THR A 197 4.62 -33.92 7.91
CA THR A 197 4.93 -35.27 8.36
C THR A 197 3.69 -36.15 8.40
N GLY A 198 2.53 -35.52 8.56
CA GLY A 198 1.27 -36.25 8.68
C GLY A 198 0.98 -36.64 10.12
N MET A 199 2.03 -36.65 10.94
CA MET A 199 1.94 -37.04 12.34
C MET A 199 1.51 -35.87 13.24
N PRO A 200 0.99 -36.19 14.44
CA PRO A 200 0.63 -35.18 15.43
C PRO A 200 1.83 -34.57 16.14
N THR A 201 1.63 -33.39 16.75
CA THR A 201 2.71 -32.65 17.39
C THR A 201 2.26 -31.86 18.62
N GLU A 202 1.21 -32.32 19.29
CA GLU A 202 0.74 -31.63 20.51
C GLU A 202 1.61 -31.99 21.70
N THR A 203 2.25 -33.16 21.65
CA THR A 203 3.14 -33.58 22.72
C THR A 203 4.59 -33.62 22.26
N PHE A 204 5.49 -33.40 23.21
CA PHE A 204 6.93 -33.50 23.01
C PHE A 204 7.33 -34.78 22.28
N GLU A 205 6.84 -35.90 22.79
CA GLU A 205 7.16 -37.22 22.24
C GLU A 205 6.72 -37.34 20.79
N GLN A 206 5.53 -36.83 20.48
CA GLN A 206 5.01 -36.81 19.11
C GLN A 206 5.89 -35.97 18.20
N ILE A 207 6.41 -34.88 18.75
CA ILE A 207 7.31 -34.00 18.03
C ILE A 207 8.61 -34.73 17.69
N SER A 208 9.17 -35.42 18.67
CA SER A 208 10.42 -36.15 18.49
C SER A 208 10.29 -37.24 17.41
N GLN A 209 9.08 -37.79 17.27
CA GLN A 209 8.82 -38.81 16.27
C GLN A 209 8.64 -38.21 14.88
N ALA A 210 8.01 -37.04 14.82
CA ALA A 210 7.91 -36.29 13.58
C ALA A 210 9.30 -35.89 13.11
N VAL A 211 10.12 -35.44 14.06
CA VAL A 211 11.51 -35.08 13.80
C VAL A 211 12.31 -36.31 13.39
N ALA A 212 12.00 -37.44 14.03
CA ALA A 212 12.59 -38.71 13.62
C ALA A 212 12.25 -38.96 12.15
N LYS A 213 11.04 -38.58 11.75
CA LYS A 213 10.63 -38.71 10.36
C LYS A 213 11.15 -37.57 9.49
N CYS A 214 11.84 -36.62 10.11
CA CYS A 214 12.56 -35.61 9.34
C CYS A 214 13.97 -36.13 9.01
N HIS A 215 14.55 -36.87 9.94
CA HIS A 215 15.81 -37.55 9.70
C HIS A 215 15.65 -38.58 8.60
N LYS A 216 14.42 -39.12 8.49
CA LYS A 216 13.99 -39.96 7.35
C LYS A 216 14.52 -39.50 5.98
N LEU A 217 14.10 -38.30 5.56
CA LEU A 217 14.27 -37.84 4.19
C LEU A 217 15.58 -37.10 3.98
N GLY A 218 16.44 -37.06 5.00
CA GLY A 218 17.76 -36.49 4.82
C GLY A 218 18.05 -35.21 5.58
N VAL A 219 17.21 -34.89 6.55
CA VAL A 219 17.40 -33.67 7.35
C VAL A 219 18.11 -34.01 8.67
N LYS A 220 19.39 -33.66 8.75
CA LYS A 220 20.19 -34.03 9.92
C LYS A 220 19.94 -33.14 11.14
N GLN A 221 19.44 -31.91 10.91
CA GLN A 221 19.18 -31.01 12.02
C GLN A 221 17.82 -30.34 11.92
N VAL A 222 17.08 -30.31 13.03
CA VAL A 222 15.78 -29.64 13.06
C VAL A 222 15.67 -28.69 14.25
N LEU A 223 15.43 -27.43 13.93
CA LEU A 223 15.23 -26.40 14.94
C LEU A 223 13.74 -26.12 15.05
N VAL A 224 13.09 -26.73 16.04
CA VAL A 224 11.65 -26.60 16.18
C VAL A 224 11.28 -25.43 17.09
N LYS A 225 10.38 -24.59 16.61
CA LYS A 225 9.92 -23.42 17.33
C LYS A 225 8.55 -23.72 17.94
N LEU A 226 8.41 -23.51 19.24
CA LEU A 226 7.22 -23.99 19.94
C LEU A 226 6.41 -22.87 20.58
N GLY A 227 6.73 -21.63 20.23
CA GLY A 227 5.99 -20.50 20.76
C GLY A 227 6.19 -20.35 22.26
N SER A 228 5.10 -20.51 23.01
CA SER A 228 5.13 -20.35 24.46
C SER A 228 5.93 -21.48 25.13
N LYS A 229 6.10 -22.59 24.42
CA LYS A 229 6.79 -23.75 24.98
C LYS A 229 8.30 -23.67 24.77
N GLY A 230 8.74 -22.65 24.04
CA GLY A 230 10.16 -22.46 23.79
C GLY A 230 10.62 -23.11 22.51
N SER A 231 11.78 -23.75 22.55
CA SER A 231 12.35 -24.35 21.34
C SER A 231 13.17 -25.60 21.61
N ALA A 232 13.46 -26.36 20.55
CA ALA A 232 14.24 -27.58 20.66
C ALA A 232 15.10 -27.82 19.43
N LEU A 233 16.40 -28.00 19.63
CA LEU A 233 17.32 -28.33 18.55
C LEU A 233 17.58 -29.82 18.51
N PHE A 234 17.12 -30.48 17.45
CA PHE A 234 17.35 -31.91 17.27
C PHE A 234 18.44 -32.16 16.24
N ILE A 235 19.57 -32.69 16.69
CA ILE A 235 20.65 -33.10 15.81
C ILE A 235 20.80 -34.62 15.85
N GLN A 236 20.53 -35.28 14.72
CA GLN A 236 20.66 -36.73 14.66
C GLN A 236 22.10 -37.13 15.01
N GLY A 237 22.23 -38.09 15.92
CA GLY A 237 23.52 -38.49 16.43
C GLY A 237 23.80 -37.85 17.76
N GLU A 238 22.90 -36.98 18.21
CA GLU A 238 23.00 -36.38 19.53
C GLU A 238 21.62 -36.31 20.19
N LYS A 239 21.58 -35.80 21.42
CA LYS A 239 20.34 -35.69 22.16
C LYS A 239 19.78 -34.28 22.10
N PRO A 240 18.45 -34.16 21.93
CA PRO A 240 17.67 -32.92 21.91
C PRO A 240 18.10 -31.89 22.96
N ILE A 241 18.60 -30.75 22.49
CA ILE A 241 18.98 -29.64 23.38
C ILE A 241 17.85 -28.62 23.42
N GLN A 242 17.58 -28.05 24.60
CA GLN A 242 16.39 -27.21 24.76
C GLN A 242 16.58 -25.87 25.44
N GLN A 243 15.68 -24.94 25.12
CA GLN A 243 15.64 -23.63 25.73
C GLN A 243 14.21 -23.17 25.89
N SER A 244 13.83 -22.89 27.13
CA SER A 244 12.52 -22.29 27.36
C SER A 244 12.61 -20.80 27.04
N ILE A 245 11.46 -20.16 26.94
CA ILE A 245 11.39 -18.72 26.71
C ILE A 245 12.07 -17.96 27.84
N ILE A 246 12.85 -16.94 27.48
CA ILE A 246 13.26 -15.97 28.47
C ILE A 246 12.06 -15.05 28.70
N PRO A 247 11.47 -15.13 29.90
CA PRO A 247 10.21 -14.48 30.24
C PRO A 247 10.15 -13.01 29.84
N ALA A 248 9.09 -12.62 29.17
CA ALA A 248 8.88 -11.23 28.78
C ALA A 248 8.08 -10.51 29.85
N ALA A 249 8.57 -9.36 30.28
CA ALA A 249 7.88 -8.54 31.29
C ALA A 249 6.47 -8.20 30.83
N GLN A 250 6.33 -7.89 29.54
CA GLN A 250 5.02 -7.58 28.96
C GLN A 250 5.02 -7.91 27.47
N VAL A 251 4.05 -8.72 27.05
CA VAL A 251 3.93 -9.10 25.64
C VAL A 251 3.01 -8.15 24.90
N VAL A 252 3.57 -7.38 23.97
CA VAL A 252 2.81 -6.38 23.24
C VAL A 252 2.42 -6.85 21.84
N ASP A 253 3.31 -7.61 21.21
CA ASP A 253 3.12 -8.02 19.82
C ASP A 253 4.10 -9.13 19.42
N THR A 254 3.57 -10.29 19.06
CA THR A 254 4.44 -11.43 18.76
C THR A 254 4.73 -11.56 17.27
N THR A 255 4.36 -10.56 16.48
CA THR A 255 4.66 -10.59 15.05
C THR A 255 6.17 -10.48 14.84
N GLY A 256 6.70 -11.34 13.97
CA GLY A 256 8.12 -11.34 13.66
C GLY A 256 8.99 -12.09 14.66
N ALA A 257 8.37 -12.65 15.69
CA ALA A 257 9.13 -13.31 16.76
C ALA A 257 9.85 -14.56 16.25
N GLY A 258 9.16 -15.36 15.45
CA GLY A 258 9.78 -16.52 14.85
C GLY A 258 10.93 -16.13 13.94
N ASP A 259 10.72 -15.06 13.16
CA ASP A 259 11.77 -14.52 12.29
C ASP A 259 12.98 -14.08 13.09
N THR A 260 12.74 -13.34 14.16
CA THR A 260 13.81 -12.89 15.05
C THR A 260 14.56 -14.10 15.61
N PHE A 261 13.80 -15.08 16.09
CA PHE A 261 14.38 -16.26 16.69
C PHE A 261 15.34 -16.97 15.73
N THR A 262 14.85 -17.25 14.53
CA THR A 262 15.62 -17.93 13.51
C THR A 262 16.87 -17.16 13.10
N ALA A 263 16.74 -15.86 12.85
CA ALA A 263 17.89 -15.07 12.42
C ALA A 263 18.93 -14.97 13.53
N ALA A 264 18.46 -14.70 14.75
CA ALA A 264 19.36 -14.61 15.90
C ALA A 264 20.08 -15.94 16.12
N PHE A 265 19.38 -17.03 15.89
CA PHE A 265 19.99 -18.35 16.01
C PHE A 265 21.11 -18.50 14.99
N ALA A 266 20.84 -18.04 13.78
CA ALA A 266 21.82 -18.11 12.69
C ALA A 266 23.04 -17.24 13.00
N VAL A 267 22.81 -16.08 13.61
CA VAL A 267 23.92 -15.19 13.93
C VAL A 267 24.78 -15.83 15.03
N ALA A 268 24.15 -16.39 16.05
CA ALA A 268 24.88 -17.05 17.12
C ALA A 268 25.69 -18.22 16.58
N MET A 269 25.07 -19.00 15.70
CA MET A 269 25.72 -20.17 15.12
C MET A 269 26.94 -19.80 14.26
N VAL A 270 26.78 -18.81 13.39
CA VAL A 270 27.86 -18.41 12.50
C VAL A 270 28.99 -17.73 13.27
N GLU A 271 28.68 -17.22 14.46
CA GLU A 271 29.70 -16.63 15.33
C GLU A 271 30.48 -17.69 16.10
N GLY A 272 30.11 -18.95 15.92
CA GLY A 272 30.84 -20.06 16.51
C GLY A 272 30.38 -20.43 17.91
N LYS A 273 29.25 -19.87 18.34
CA LYS A 273 28.72 -20.17 19.66
C LYS A 273 28.24 -21.62 19.71
N SER A 274 28.17 -22.19 20.91
CA SER A 274 27.70 -23.55 21.10
C SER A 274 26.19 -23.62 20.86
N HIS A 275 25.68 -24.82 20.62
CA HIS A 275 24.26 -25.01 20.35
C HIS A 275 23.38 -24.49 21.49
N GLU A 276 23.83 -24.75 22.72
CA GLU A 276 23.10 -24.28 23.89
C GLU A 276 23.10 -22.76 23.94
N GLU A 277 24.28 -22.18 23.70
CA GLU A 277 24.41 -20.72 23.73
C GLU A 277 23.65 -20.08 22.57
N CYS A 278 23.53 -20.81 21.45
CA CYS A 278 22.78 -20.34 20.29
C CYS A 278 21.30 -20.22 20.62
N LEU A 279 20.74 -21.26 21.23
CA LEU A 279 19.35 -21.25 21.60
C LEU A 279 19.02 -20.15 22.61
N ARG A 280 19.94 -19.92 23.54
CA ARG A 280 19.75 -18.90 24.56
C ARG A 280 19.83 -17.50 23.95
N PHE A 281 20.72 -17.34 22.97
CA PHE A 281 20.88 -16.07 22.27
C PHE A 281 19.60 -15.76 21.52
N ALA A 282 19.08 -16.77 20.81
CA ALA A 282 17.84 -16.65 20.06
C ALA A 282 16.62 -16.38 20.95
N ALA A 283 16.57 -17.08 22.08
CA ALA A 283 15.49 -16.90 23.04
C ALA A 283 15.47 -15.47 23.57
N ALA A 284 16.65 -14.95 23.88
CA ALA A 284 16.79 -13.58 24.38
C ALA A 284 16.35 -12.55 23.35
N ALA A 285 16.72 -12.76 22.09
CA ALA A 285 16.30 -11.87 21.01
C ALA A 285 14.79 -11.91 20.84
N ALA A 286 14.23 -13.12 20.80
CA ALA A 286 12.80 -13.30 20.66
C ALA A 286 12.03 -12.67 21.83
N SER A 287 12.66 -12.66 23.01
CA SER A 287 12.05 -12.10 24.20
C SER A 287 11.88 -10.59 24.09
N LEU A 288 12.93 -9.90 23.62
CA LEU A 288 12.89 -8.45 23.47
C LEU A 288 11.95 -8.04 22.35
N CYS A 289 11.89 -8.88 21.31
CA CYS A 289 11.07 -8.62 20.13
C CYS A 289 9.58 -8.51 20.44
N VAL A 290 9.08 -9.37 21.33
CA VAL A 290 7.64 -9.40 21.61
C VAL A 290 7.19 -8.28 22.56
N GLN A 291 8.11 -7.42 22.97
CA GLN A 291 7.76 -6.33 23.89
C GLN A 291 7.52 -5.02 23.15
N VAL A 292 7.58 -5.08 21.82
CA VAL A 292 7.39 -3.90 20.99
C VAL A 292 6.47 -4.23 19.82
N LYS A 293 5.52 -3.34 19.52
CA LYS A 293 4.63 -3.55 18.39
C LYS A 293 5.40 -3.45 17.08
N GLY A 294 5.04 -4.29 16.11
CA GLY A 294 5.70 -4.30 14.82
C GLY A 294 6.68 -5.45 14.72
N ALA A 295 7.26 -5.65 13.54
CA ALA A 295 8.27 -6.68 13.39
C ALA A 295 9.67 -6.08 13.30
N ILE A 296 9.95 -5.34 12.23
CA ILE A 296 11.25 -4.68 12.09
C ILE A 296 11.54 -3.69 13.23
N PRO A 297 10.57 -2.80 13.58
CA PRO A 297 10.90 -1.88 14.68
C PRO A 297 11.19 -2.59 16.01
N SER A 298 10.66 -3.80 16.20
CA SER A 298 10.86 -4.51 17.45
C SER A 298 12.17 -5.30 17.52
N MET A 299 12.88 -5.42 16.38
CA MET A 299 14.17 -6.10 16.36
C MET A 299 15.15 -5.43 17.34
N PRO A 300 15.72 -6.21 18.26
CA PRO A 300 16.64 -5.66 19.26
C PRO A 300 18.05 -5.49 18.71
N ASP A 301 18.76 -4.45 19.14
CA ASP A 301 20.17 -4.32 18.77
C ASP A 301 21.00 -5.30 19.60
N ARG A 302 22.25 -5.49 19.22
CA ARG A 302 23.10 -6.48 19.87
C ARG A 302 23.31 -6.18 21.36
N LYS A 303 23.39 -4.90 21.71
CA LYS A 303 23.65 -4.51 23.09
C LYS A 303 22.48 -4.88 24.01
N SER A 304 21.25 -4.74 23.52
CA SER A 304 20.07 -5.09 24.31
C SER A 304 19.99 -6.59 24.56
N VAL A 305 20.38 -7.38 23.57
CA VAL A 305 20.35 -8.83 23.71
C VAL A 305 21.46 -9.28 24.66
N LEU A 306 22.64 -8.71 24.51
CA LEU A 306 23.78 -9.10 25.34
C LEU A 306 23.62 -8.62 26.78
N LYS A 307 22.83 -7.56 26.98
CA LYS A 307 22.55 -7.08 28.33
C LYS A 307 21.54 -8.00 29.01
N LEU A 308 20.63 -8.56 28.21
CA LEU A 308 19.62 -9.49 28.72
C LEU A 308 20.21 -10.86 28.99
N LEU A 309 21.33 -11.16 28.32
CA LEU A 309 22.00 -12.45 28.52
C LEU A 309 22.88 -12.44 29.77
N LYS A 310 23.15 -11.26 30.30
CA LYS A 310 23.91 -11.14 31.53
C LYS A 310 23.06 -11.64 32.69
N PHE A 311 21.76 -11.39 32.62
CA PHE A 311 20.81 -11.83 33.64
C PHE A 311 20.73 -13.35 33.79
N SER A 312 19.78 -13.81 34.60
CA SER A 312 19.55 -15.23 34.86
C SER A 312 19.56 -16.10 33.60
N MET B 1 2.54 35.22 -12.95
CA MET B 1 1.91 34.22 -13.80
C MET B 1 0.42 34.50 -14.01
N ALA B 2 -0.23 33.68 -14.84
CA ALA B 2 -1.68 33.74 -15.00
C ALA B 2 -2.33 33.27 -13.71
N PRO B 3 -3.53 33.78 -13.38
CA PRO B 3 -4.19 33.37 -12.13
C PRO B 3 -4.41 31.86 -12.08
N PRO B 4 -3.73 31.18 -11.15
CA PRO B 4 -3.61 29.72 -11.16
C PRO B 4 -4.87 28.95 -10.78
N LEU B 5 -4.98 27.76 -11.35
CA LEU B 5 -5.89 26.75 -10.82
C LEU B 5 -5.34 26.32 -9.48
N VAL B 6 -6.14 26.45 -8.43
CA VAL B 6 -5.71 26.02 -7.12
C VAL B 6 -6.61 24.91 -6.59
N VAL B 7 -6.02 23.74 -6.39
CA VAL B 7 -6.78 22.60 -5.90
C VAL B 7 -6.45 22.37 -4.45
N VAL B 8 -7.48 22.38 -3.62
CA VAL B 8 -7.32 22.03 -2.21
C VAL B 8 -8.09 20.75 -1.96
N GLY B 9 -7.38 19.70 -1.56
CA GLY B 9 -8.07 18.46 -1.29
C GLY B 9 -7.13 17.31 -1.00
N SER B 10 -7.56 16.12 -1.39
CA SER B 10 -6.95 14.89 -0.97
C SER B 10 -5.88 14.34 -1.91
N ALA B 11 -4.98 13.55 -1.33
CA ALA B 11 -4.01 12.75 -2.07
C ALA B 11 -3.98 11.35 -1.47
N ASN B 12 -4.19 10.33 -2.29
CA ASN B 12 -4.22 8.93 -1.84
C ASN B 12 -3.25 8.05 -2.60
N ALA B 13 -2.66 7.07 -1.90
CA ALA B 13 -2.12 5.93 -2.62
C ALA B 13 -3.27 4.94 -2.83
N ASP B 14 -3.56 4.64 -4.09
CA ASP B 14 -4.59 3.67 -4.42
C ASP B 14 -3.96 2.28 -4.55
N ILE B 15 -4.25 1.42 -3.58
CA ILE B 15 -3.78 0.05 -3.55
C ILE B 15 -4.78 -0.90 -4.23
N TYR B 16 -4.55 -1.18 -5.50
CA TYR B 16 -5.43 -2.07 -6.25
C TYR B 16 -5.01 -3.52 -6.13
N VAL B 17 -5.95 -4.40 -5.81
CA VAL B 17 -5.67 -5.83 -5.81
C VAL B 17 -6.74 -6.60 -6.59
N GLU B 18 -6.31 -7.50 -7.47
CA GLU B 18 -7.23 -8.33 -8.24
C GLU B 18 -7.51 -9.64 -7.50
N ILE B 19 -8.74 -9.78 -7.01
CA ILE B 19 -9.14 -10.99 -6.33
C ILE B 19 -10.28 -11.68 -7.08
N GLU B 20 -10.48 -12.96 -6.82
CA GLU B 20 -11.57 -13.71 -7.42
C GLU B 20 -12.87 -13.34 -6.73
N ARG B 21 -12.87 -13.49 -5.40
CA ARG B 21 -14.01 -13.13 -4.58
C ARG B 21 -13.53 -12.38 -3.34
N LEU B 22 -14.42 -11.62 -2.72
CA LEU B 22 -14.09 -10.97 -1.46
C LEU B 22 -13.89 -12.03 -0.38
N PRO B 23 -12.81 -11.90 0.41
CA PRO B 23 -12.51 -12.88 1.45
C PRO B 23 -13.56 -12.90 2.55
N LYS B 24 -13.82 -14.07 3.09
CA LYS B 24 -14.74 -14.21 4.20
C LYS B 24 -14.05 -13.79 5.49
N GLU B 25 -14.84 -13.55 6.54
CA GLU B 25 -14.30 -13.19 7.84
C GLU B 25 -13.34 -14.26 8.36
N GLY B 26 -12.19 -13.82 8.86
CA GLY B 26 -11.20 -14.74 9.39
C GLY B 26 -10.44 -15.52 8.32
N GLU B 27 -10.81 -15.33 7.07
CA GLU B 27 -10.22 -16.09 5.97
C GLU B 27 -9.11 -15.35 5.22
N THR B 28 -8.02 -16.07 4.96
CA THR B 28 -6.90 -15.55 4.18
C THR B 28 -6.97 -16.04 2.73
N ILE B 29 -6.96 -15.12 1.77
CA ILE B 29 -6.99 -15.51 0.37
C ILE B 29 -5.80 -14.93 -0.40
N SER B 30 -5.63 -15.39 -1.64
CA SER B 30 -4.56 -14.90 -2.51
C SER B 30 -5.14 -14.08 -3.65
N ALA B 31 -4.42 -13.02 -4.01
CA ALA B 31 -4.81 -12.19 -5.14
C ALA B 31 -3.99 -12.56 -6.38
N LYS B 32 -4.60 -12.37 -7.55
CA LYS B 32 -3.92 -12.64 -8.81
C LYS B 32 -2.74 -11.71 -8.98
N THR B 33 -2.99 -10.42 -8.81
CA THR B 33 -1.94 -9.42 -8.91
C THR B 33 -2.35 -8.15 -8.18
N GLY B 34 -1.57 -7.09 -8.37
CA GLY B 34 -1.83 -5.83 -7.70
C GLY B 34 -1.05 -4.70 -8.32
N GLN B 35 -1.44 -3.48 -7.95
CA GLN B 35 -0.71 -2.30 -8.37
C GLN B 35 -1.01 -1.16 -7.39
N THR B 36 -0.01 -0.32 -7.14
CA THR B 36 -0.19 0.86 -6.30
C THR B 36 0.04 2.11 -7.14
N LEU B 37 -0.95 3.00 -7.15
CA LEU B 37 -0.87 4.21 -7.98
C LEU B 37 -1.19 5.48 -7.20
N ALA B 38 -0.63 6.59 -7.67
CA ALA B 38 -0.95 7.90 -7.10
C ALA B 38 -2.37 8.27 -7.48
N GLY B 39 -3.15 8.72 -6.51
CA GLY B 39 -4.54 9.09 -6.73
C GLY B 39 -5.07 10.03 -5.66
N GLY B 40 -6.35 9.89 -5.32
CA GLY B 40 -7.03 10.87 -4.50
C GLY B 40 -7.64 11.92 -5.42
N LYS B 41 -8.88 12.34 -5.11
CA LYS B 41 -9.60 13.24 -6.01
C LYS B 41 -8.88 14.56 -6.18
N GLY B 42 -8.29 15.08 -5.11
CA GLY B 42 -7.56 16.34 -5.19
C GLY B 42 -6.31 16.23 -6.07
N ALA B 43 -5.48 15.22 -5.80
CA ALA B 43 -4.25 15.06 -6.58
C ALA B 43 -4.59 14.78 -8.05
N ASN B 44 -5.65 14.00 -8.28
CA ASN B 44 -6.13 13.73 -9.64
C ASN B 44 -6.49 15.02 -10.36
N GLN B 45 -7.27 15.87 -9.71
CA GLN B 45 -7.70 17.11 -10.34
C GLN B 45 -6.53 18.05 -10.59
N ALA B 46 -5.59 18.12 -9.66
CA ALA B 46 -4.39 18.93 -9.86
C ALA B 46 -3.53 18.40 -11.00
N ALA B 47 -3.32 17.08 -11.03
CA ALA B 47 -2.57 16.46 -12.12
C ALA B 47 -3.20 16.79 -13.46
N CYS B 48 -4.53 16.74 -13.53
CA CYS B 48 -5.25 17.03 -14.75
C CYS B 48 -4.97 18.45 -15.26
N GLY B 49 -5.11 19.44 -14.38
CA GLY B 49 -4.87 20.82 -14.73
C GLY B 49 -3.45 21.06 -15.21
N ALA B 50 -2.48 20.51 -14.50
CA ALA B 50 -1.07 20.64 -14.87
C ALA B 50 -0.80 20.05 -16.25
N LYS B 51 -1.37 18.89 -16.54
CA LYS B 51 -1.17 18.25 -17.85
C LYS B 51 -1.79 19.06 -18.96
N LEU B 52 -2.86 19.80 -18.64
CA LEU B 52 -3.53 20.63 -19.65
C LEU B 52 -2.80 21.96 -19.80
N MET B 53 -1.69 22.09 -19.10
CA MET B 53 -0.78 23.22 -19.24
C MET B 53 -1.40 24.51 -18.70
N TYR B 54 -2.22 24.39 -17.66
CA TYR B 54 -2.62 25.57 -16.92
C TYR B 54 -1.89 25.57 -15.60
N PRO B 55 -1.32 26.72 -15.19
CA PRO B 55 -0.58 26.81 -13.93
C PRO B 55 -1.40 26.29 -12.76
N THR B 56 -0.90 25.27 -12.08
CA THR B 56 -1.71 24.56 -11.10
C THR B 56 -0.96 24.35 -9.79
N TYR B 57 -1.62 24.71 -8.70
CA TYR B 57 -1.11 24.46 -7.35
C TYR B 57 -1.96 23.42 -6.65
N PHE B 58 -1.31 22.51 -5.93
CA PHE B 58 -2.05 21.57 -5.11
C PHE B 58 -1.80 21.91 -3.65
N VAL B 59 -2.89 22.07 -2.90
CA VAL B 59 -2.80 22.30 -1.47
C VAL B 59 -3.32 21.06 -0.78
N GLY B 60 -2.43 20.37 -0.07
CA GLY B 60 -2.80 19.11 0.54
C GLY B 60 -1.87 18.73 1.67
N ARG B 61 -2.23 17.66 2.37
CA ARG B 61 -1.47 17.16 3.50
C ARG B 61 -1.07 15.71 3.27
N LEU B 62 0.22 15.44 3.39
CA LEU B 62 0.81 14.12 3.17
C LEU B 62 1.50 13.63 4.44
N GLY B 63 1.69 12.32 4.54
CA GLY B 63 2.54 11.78 5.59
C GLY B 63 3.98 11.75 5.09
N GLU B 64 4.93 11.66 6.03
CA GLU B 64 6.33 11.53 5.66
C GLU B 64 6.68 10.07 5.43
N ASP B 65 6.12 9.49 4.37
CA ASP B 65 6.26 8.07 4.12
C ASP B 65 6.40 7.81 2.64
N ALA B 66 6.44 6.53 2.27
CA ALA B 66 6.66 6.13 0.89
C ALA B 66 5.48 6.51 0.00
N HIS B 67 4.28 6.33 0.53
CA HIS B 67 3.06 6.73 -0.20
C HIS B 67 3.08 8.22 -0.50
N GLY B 68 3.55 9.02 0.46
CA GLY B 68 3.63 10.47 0.30
C GLY B 68 4.61 10.83 -0.79
N LYS B 69 5.73 10.13 -0.84
CA LYS B 69 6.75 10.44 -1.84
C LYS B 69 6.24 10.05 -3.21
N LEU B 70 5.52 8.93 -3.27
CA LEU B 70 4.85 8.49 -4.50
C LEU B 70 3.99 9.61 -5.10
N ILE B 71 3.23 10.29 -4.25
CA ILE B 71 2.37 11.37 -4.70
C ILE B 71 3.19 12.53 -5.25
N ALA B 72 4.15 12.99 -4.46
CA ALA B 72 4.98 14.13 -4.82
C ALA B 72 5.67 13.90 -6.16
N GLU B 73 6.16 12.68 -6.36
CA GLU B 73 6.81 12.33 -7.61
C GLU B 73 5.87 12.38 -8.81
N ALA B 74 4.68 11.82 -8.66
CA ALA B 74 3.71 11.80 -9.75
C ALA B 74 3.28 13.22 -10.15
N LEU B 75 3.11 14.08 -9.16
CA LEU B 75 2.57 15.43 -9.40
C LEU B 75 3.62 16.46 -9.78
N GLY B 76 4.83 16.29 -9.24
CA GLY B 76 5.86 17.32 -9.31
C GLY B 76 6.58 17.53 -10.63
N ASP B 77 7.79 18.09 -10.53
CA ASP B 77 8.54 18.58 -11.69
C ASP B 77 8.98 17.47 -12.64
N ASP B 78 9.02 16.24 -12.14
CA ASP B 78 9.37 15.10 -12.97
C ASP B 78 8.14 14.34 -13.43
N GLY B 79 6.96 14.86 -13.06
CA GLY B 79 5.72 14.23 -13.46
C GLY B 79 4.80 15.21 -14.18
N CYS B 80 3.66 15.50 -13.58
CA CYS B 80 2.64 16.31 -14.22
C CYS B 80 2.99 17.81 -14.26
N GLY B 81 3.83 18.28 -13.34
CA GLY B 81 4.19 19.68 -13.31
C GLY B 81 3.30 20.55 -12.42
N VAL B 82 2.70 19.93 -11.41
CA VAL B 82 1.93 20.67 -10.40
C VAL B 82 2.87 21.44 -9.48
N HIS B 83 2.55 22.68 -9.14
CA HIS B 83 3.34 23.38 -8.13
C HIS B 83 3.01 22.85 -6.74
N LEU B 84 4.01 22.33 -6.03
CA LEU B 84 3.78 21.67 -4.74
C LEU B 84 4.18 22.50 -3.54
N ASP B 85 4.45 23.78 -3.76
CA ASP B 85 4.83 24.72 -2.71
C ASP B 85 4.00 24.63 -1.43
N TYR B 86 2.71 24.35 -1.57
CA TYR B 86 1.82 24.41 -0.41
C TYR B 86 1.38 23.05 0.09
N VAL B 87 2.04 22.00 -0.39
CA VAL B 87 1.86 20.69 0.21
C VAL B 87 2.71 20.62 1.47
N ARG B 88 2.09 20.23 2.58
CA ARG B 88 2.84 20.08 3.83
C ARG B 88 2.77 18.62 4.28
N SER B 89 3.88 18.12 4.82
CA SER B 89 3.95 16.73 5.29
C SER B 89 4.09 16.67 6.80
N VAL B 90 3.44 15.67 7.40
CA VAL B 90 3.52 15.46 8.84
C VAL B 90 4.13 14.07 9.13
N ASN B 91 4.62 13.87 10.35
CA ASN B 91 5.21 12.58 10.70
C ASN B 91 4.36 11.79 11.67
N ASN B 92 3.26 12.40 12.12
CA ASN B 92 2.38 11.75 13.08
C ASN B 92 1.14 11.15 12.42
N GLU B 93 1.00 11.35 11.11
CA GLU B 93 -0.11 10.80 10.34
C GLU B 93 0.38 10.16 9.05
N PRO B 94 -0.24 9.04 8.64
CA PRO B 94 0.12 8.43 7.37
C PRO B 94 -0.56 9.13 6.19
N THR B 95 0.10 9.14 5.03
CA THR B 95 -0.53 9.54 3.79
C THR B 95 -1.81 8.73 3.62
N GLY B 96 -2.88 9.38 3.17
CA GLY B 96 -4.14 8.67 2.96
C GLY B 96 -3.98 7.59 1.90
N HIS B 97 -4.73 6.51 2.05
CA HIS B 97 -4.67 5.46 1.04
C HIS B 97 -5.98 4.71 0.97
N ALA B 98 -6.16 4.02 -0.16
CA ALA B 98 -7.38 3.29 -0.43
C ALA B 98 -7.05 1.90 -0.94
N VAL B 99 -7.58 0.89 -0.26
CA VAL B 99 -7.49 -0.47 -0.76
C VAL B 99 -8.69 -0.75 -1.68
N VAL B 100 -8.41 -0.82 -2.98
CA VAL B 100 -9.45 -1.07 -3.97
C VAL B 100 -9.37 -2.52 -4.45
N MET B 101 -10.41 -3.30 -4.15
CA MET B 101 -10.42 -4.71 -4.50
C MET B 101 -11.28 -4.98 -5.74
N LEU B 102 -10.61 -5.30 -6.85
CA LEU B 102 -11.28 -5.63 -8.09
C LEU B 102 -11.63 -7.12 -8.13
N GLN B 103 -12.90 -7.45 -7.86
CA GLN B 103 -13.34 -8.85 -7.96
C GLN B 103 -13.48 -9.25 -9.42
N SER B 104 -13.59 -10.56 -9.65
CA SER B 104 -13.61 -11.10 -11.01
C SER B 104 -14.96 -10.90 -11.73
N ASP B 105 -16.02 -10.63 -10.97
CA ASP B 105 -17.34 -10.45 -11.58
C ASP B 105 -17.43 -9.12 -12.34
N GLY B 106 -16.74 -8.11 -11.84
CA GLY B 106 -16.68 -6.82 -12.52
C GLY B 106 -16.92 -5.63 -11.62
N GLN B 107 -17.47 -5.88 -10.43
CA GLN B 107 -17.74 -4.82 -9.47
C GLN B 107 -16.45 -4.34 -8.80
N ASN B 108 -16.57 -3.35 -7.92
CA ASN B 108 -15.43 -2.86 -7.16
C ASN B 108 -15.77 -2.85 -5.68
N SER B 109 -14.74 -2.75 -4.84
CA SER B 109 -14.94 -2.66 -3.40
C SER B 109 -13.78 -1.88 -2.78
N ILE B 110 -14.09 -0.90 -1.95
CA ILE B 110 -13.07 0.06 -1.51
C ILE B 110 -13.07 0.26 0.01
N ILE B 111 -11.87 0.24 0.59
CA ILE B 111 -11.65 0.68 1.96
C ILE B 111 -10.78 1.93 1.95
N ILE B 112 -11.23 2.98 2.62
CA ILE B 112 -10.51 4.25 2.60
C ILE B 112 -9.95 4.64 3.95
N VAL B 113 -8.65 4.92 3.98
CA VAL B 113 -8.00 5.45 5.16
C VAL B 113 -7.79 6.95 4.98
N GLY B 114 -8.43 7.75 5.84
CA GLY B 114 -8.35 9.20 5.74
C GLY B 114 -6.94 9.71 5.93
N GLY B 115 -6.31 9.28 7.01
CA GLY B 115 -4.93 9.64 7.28
C GLY B 115 -4.70 11.14 7.28
N ALA B 116 -3.59 11.56 6.71
CA ALA B 116 -3.23 12.98 6.65
C ALA B 116 -4.34 13.84 6.03
N ASN B 117 -5.08 13.27 5.07
CA ASN B 117 -6.14 14.02 4.38
C ASN B 117 -7.19 14.52 5.36
N MET B 118 -7.49 13.70 6.37
CA MET B 118 -8.55 14.03 7.32
C MET B 118 -8.01 14.57 8.64
N LYS B 119 -6.74 14.35 8.94
CA LYS B 119 -6.22 14.58 10.29
C LYS B 119 -5.04 15.54 10.40
N ALA B 120 -4.42 15.91 9.29
CA ALA B 120 -3.20 16.71 9.36
C ALA B 120 -3.44 18.19 9.09
N TRP B 121 -4.72 18.58 9.02
CA TRP B 121 -5.04 19.98 8.80
C TRP B 121 -5.14 20.71 10.13
N PRO B 122 -4.78 22.01 10.13
CA PRO B 122 -4.90 22.83 11.33
C PRO B 122 -6.35 23.15 11.63
N GLU B 123 -6.69 23.41 12.89
CA GLU B 123 -8.05 23.75 13.26
C GLU B 123 -8.48 25.04 12.53
N ILE B 124 -7.58 26.01 12.51
CA ILE B 124 -7.79 27.25 11.78
C ILE B 124 -6.75 27.35 10.67
N MET B 125 -7.20 27.68 9.47
CA MET B 125 -6.30 27.81 8.33
C MET B 125 -5.37 29.00 8.49
N SER B 126 -4.08 28.75 8.32
CA SER B 126 -3.07 29.80 8.35
C SER B 126 -3.31 30.82 7.24
N ASP B 127 -2.93 32.07 7.49
CA ASP B 127 -2.99 33.10 6.47
C ASP B 127 -1.97 32.81 5.38
N ASP B 128 -0.85 32.22 5.79
CA ASP B 128 0.20 31.83 4.87
C ASP B 128 -0.33 30.80 3.87
N ASP B 129 -1.18 29.90 4.36
CA ASP B 129 -1.79 28.90 3.51
C ASP B 129 -2.89 29.51 2.64
N LEU B 130 -3.70 30.38 3.23
CA LEU B 130 -4.85 30.96 2.54
C LEU B 130 -4.47 31.98 1.48
N GLU B 131 -3.20 32.35 1.41
CA GLU B 131 -2.79 33.36 0.44
C GLU B 131 -2.74 32.79 -0.99
N ILE B 132 -2.53 31.48 -1.12
CA ILE B 132 -2.50 30.92 -2.45
C ILE B 132 -3.93 30.88 -3.01
N VAL B 133 -4.92 30.60 -2.18
CA VAL B 133 -6.29 30.53 -2.66
C VAL B 133 -6.79 31.94 -2.97
N ARG B 134 -6.25 32.94 -2.27
CA ARG B 134 -6.63 34.32 -2.52
C ARG B 134 -6.06 34.85 -3.84
N ASN B 135 -5.05 34.16 -4.35
CA ASN B 135 -4.43 34.56 -5.60
C ASN B 135 -4.89 33.69 -6.77
N ALA B 136 -5.77 32.72 -6.49
CA ALA B 136 -6.23 31.79 -7.51
C ALA B 136 -7.03 32.47 -8.61
N GLY B 137 -7.04 31.85 -9.79
CA GLY B 137 -7.99 32.21 -10.83
C GLY B 137 -9.23 31.38 -10.69
N ILE B 138 -9.09 30.21 -10.06
CA ILE B 138 -10.22 29.33 -9.86
C ILE B 138 -9.82 28.30 -8.82
N VAL B 139 -10.77 27.85 -8.01
CA VAL B 139 -10.47 26.92 -6.92
C VAL B 139 -11.34 25.67 -7.02
N LEU B 140 -10.70 24.49 -6.85
CA LEU B 140 -11.42 23.21 -6.86
C LEU B 140 -11.34 22.51 -5.52
N LEU B 141 -12.49 22.03 -5.04
CA LEU B 141 -12.59 21.30 -3.79
C LEU B 141 -13.29 20.00 -4.04
N GLN B 142 -13.10 19.05 -3.14
CA GLN B 142 -13.83 17.78 -3.15
C GLN B 142 -14.25 17.48 -1.71
N ARG B 143 -14.76 16.28 -1.46
CA ARG B 143 -15.17 15.94 -0.10
C ARG B 143 -14.37 14.77 0.47
N GLU B 144 -13.05 14.90 0.41
CA GLU B 144 -12.15 13.90 0.95
C GLU B 144 -11.20 14.53 1.98
N ILE B 145 -11.48 15.78 2.34
CA ILE B 145 -10.81 16.47 3.47
C ILE B 145 -11.92 17.01 4.39
N PRO B 146 -11.59 17.50 5.59
CA PRO B 146 -12.66 17.96 6.50
C PRO B 146 -13.52 19.11 5.96
N ASP B 147 -14.83 19.05 6.22
CA ASP B 147 -15.74 20.14 5.87
C ASP B 147 -15.22 21.49 6.36
N SER B 148 -14.66 21.49 7.56
CA SER B 148 -14.18 22.71 8.18
C SER B 148 -13.13 23.39 7.32
N ILE B 149 -12.22 22.60 6.78
CA ILE B 149 -11.20 23.14 5.89
C ILE B 149 -11.82 23.64 4.60
N ASN B 150 -12.72 22.85 4.03
CA ASN B 150 -13.42 23.26 2.81
C ASN B 150 -14.16 24.58 2.97
N ILE B 151 -14.86 24.72 4.07
CA ILE B 151 -15.63 25.94 4.37
C ILE B 151 -14.71 27.15 4.47
N GLN B 152 -13.62 27.02 5.22
CA GLN B 152 -12.68 28.12 5.40
C GLN B 152 -12.04 28.56 4.10
N VAL B 153 -11.83 27.62 3.18
CA VAL B 153 -11.21 27.95 1.90
C VAL B 153 -12.21 28.65 1.00
N ALA B 154 -13.41 28.11 0.95
CA ALA B 154 -14.44 28.66 0.09
C ALA B 154 -14.73 30.11 0.48
N LYS B 155 -14.87 30.33 1.78
CA LYS B 155 -15.16 31.66 2.32
C LYS B 155 -14.04 32.65 2.04
N ALA B 156 -12.80 32.16 2.01
CA ALA B 156 -11.65 33.02 1.76
C ALA B 156 -11.59 33.46 0.30
N VAL B 157 -12.26 32.70 -0.57
CA VAL B 157 -12.28 33.04 -1.98
C VAL B 157 -13.50 33.90 -2.28
N LYS B 158 -14.60 33.63 -1.59
CA LYS B 158 -15.78 34.47 -1.64
C LYS B 158 -15.37 35.93 -1.45
N LYS B 159 -14.65 36.22 -0.37
CA LYS B 159 -14.12 37.55 -0.12
C LYS B 159 -12.90 37.84 -1.00
N ALA B 160 -12.93 37.38 -2.25
CA ALA B 160 -11.85 37.61 -3.20
C ALA B 160 -12.40 37.66 -4.63
N GLY B 161 -13.60 37.15 -4.82
CA GLY B 161 -14.26 37.17 -6.11
C GLY B 161 -13.62 36.32 -7.20
N VAL B 162 -13.66 34.99 -7.03
CA VAL B 162 -13.10 34.04 -8.01
C VAL B 162 -13.83 32.69 -7.84
N PRO B 163 -14.10 31.99 -8.95
CA PRO B 163 -14.99 30.82 -8.92
C PRO B 163 -14.50 29.68 -8.02
N VAL B 164 -15.40 29.14 -7.22
CA VAL B 164 -15.08 27.98 -6.40
C VAL B 164 -15.96 26.83 -6.83
N ILE B 165 -15.33 25.72 -7.18
CA ILE B 165 -16.06 24.53 -7.61
C ILE B 165 -15.94 23.42 -6.59
N LEU B 166 -17.09 22.87 -6.20
CA LEU B 166 -17.10 21.75 -5.29
C LEU B 166 -17.60 20.49 -5.97
N ASP B 167 -16.66 19.56 -6.17
CA ASP B 167 -16.99 18.22 -6.60
C ASP B 167 -17.53 17.47 -5.39
N VAL B 168 -18.66 16.79 -5.57
CA VAL B 168 -19.35 16.16 -4.45
C VAL B 168 -18.73 14.81 -4.13
N GLY B 169 -17.87 14.34 -5.04
CA GLY B 169 -17.19 13.08 -4.84
C GLY B 169 -16.38 13.01 -3.55
N GLY B 170 -16.42 11.84 -2.91
CA GLY B 170 -15.76 11.65 -1.63
C GLY B 170 -16.69 11.05 -0.60
N MET B 171 -16.75 11.66 0.57
CA MET B 171 -17.61 11.19 1.66
C MET B 171 -19.08 11.17 1.27
N ASP B 172 -19.82 10.21 1.78
CA ASP B 172 -21.24 10.08 1.47
C ASP B 172 -22.12 10.87 2.43
N THR B 173 -21.49 11.72 3.23
CA THR B 173 -22.21 12.54 4.21
C THR B 173 -22.87 13.74 3.56
N PRO B 174 -23.97 14.24 4.17
CA PRO B 174 -24.61 15.47 3.69
C PRO B 174 -23.64 16.64 3.68
N ILE B 175 -23.82 17.53 2.72
CA ILE B 175 -22.97 18.71 2.61
C ILE B 175 -23.47 19.81 3.53
N PRO B 176 -22.58 20.37 4.35
CA PRO B 176 -22.91 21.53 5.17
C PRO B 176 -23.48 22.67 4.32
N ASN B 177 -24.64 23.18 4.71
CA ASN B 177 -25.24 24.28 3.95
C ASN B 177 -24.34 25.48 3.94
N GLU B 178 -23.54 25.62 4.99
CA GLU B 178 -22.55 26.69 5.09
C GLU B 178 -21.54 26.60 3.93
N LEU B 179 -21.24 25.38 3.52
CA LEU B 179 -20.33 25.13 2.40
C LEU B 179 -21.01 25.47 1.07
N LEU B 180 -22.23 24.95 0.89
CA LEU B 180 -23.03 25.23 -0.30
C LEU B 180 -23.23 26.72 -0.55
N ASP B 181 -23.42 27.48 0.53
CA ASP B 181 -23.60 28.91 0.42
C ASP B 181 -22.36 29.64 -0.08
N SER B 182 -21.21 28.99 -0.01
CA SER B 182 -19.94 29.67 -0.28
C SER B 182 -19.25 29.22 -1.57
N ILE B 183 -19.88 28.33 -2.31
CA ILE B 183 -19.30 27.85 -3.57
C ILE B 183 -20.07 28.41 -4.76
N ASP B 184 -19.46 28.40 -5.94
CA ASP B 184 -20.13 28.92 -7.14
C ASP B 184 -20.71 27.79 -7.97
N ILE B 185 -19.94 26.72 -8.17
CA ILE B 185 -20.44 25.60 -8.95
C ILE B 185 -20.40 24.33 -8.14
N LEU B 186 -21.54 23.64 -8.09
CA LEU B 186 -21.60 22.33 -7.48
C LEU B 186 -21.48 21.30 -8.58
N SER B 187 -20.69 20.26 -8.37
CA SER B 187 -20.52 19.24 -9.41
C SER B 187 -20.67 17.81 -8.88
N PRO B 188 -21.90 17.29 -8.93
CA PRO B 188 -22.26 15.92 -8.57
C PRO B 188 -22.46 15.00 -9.77
N ASN B 189 -22.32 13.70 -9.56
CA ASN B 189 -22.84 12.73 -10.52
C ASN B 189 -24.29 12.38 -10.18
N GLU B 190 -24.82 11.34 -10.81
CA GLU B 190 -26.22 10.95 -10.64
C GLU B 190 -26.52 10.51 -9.21
N THR B 191 -25.72 9.58 -8.69
CA THR B 191 -25.93 9.06 -7.34
C THR B 191 -25.78 10.16 -6.30
N GLU B 192 -24.67 10.89 -6.38
CA GLU B 192 -24.41 12.00 -5.46
C GLU B 192 -25.52 13.03 -5.49
N LEU B 193 -26.03 13.33 -6.69
CA LEU B 193 -27.16 14.27 -6.79
C LEU B 193 -28.41 13.69 -6.13
N SER B 194 -28.68 12.42 -6.40
CA SER B 194 -29.80 11.72 -5.79
C SER B 194 -29.66 11.67 -4.27
N ARG B 195 -28.57 11.05 -3.81
CA ARG B 195 -28.26 10.94 -2.38
C ARG B 195 -28.36 12.29 -1.68
N LEU B 196 -27.81 13.32 -2.30
CA LEU B 196 -27.79 14.66 -1.72
C LEU B 196 -29.19 15.19 -1.47
N THR B 197 -29.98 15.28 -2.54
CA THR B 197 -31.30 15.88 -2.49
C THR B 197 -32.37 14.88 -2.05
N GLY B 198 -32.05 13.59 -2.09
CA GLY B 198 -32.99 12.55 -1.74
C GLY B 198 -33.93 12.15 -2.88
N MET B 199 -33.93 12.96 -3.94
CA MET B 199 -34.83 12.77 -5.06
C MET B 199 -34.28 11.79 -6.09
N PRO B 200 -35.18 11.10 -6.81
CA PRO B 200 -34.73 10.18 -7.87
C PRO B 200 -34.05 10.92 -9.02
N THR B 201 -33.19 10.23 -9.76
CA THR B 201 -32.43 10.88 -10.84
C THR B 201 -32.35 10.01 -12.09
N GLU B 202 -33.33 9.13 -12.27
CA GLU B 202 -33.32 8.20 -13.39
C GLU B 202 -33.59 8.89 -14.74
N THR B 203 -34.32 10.00 -14.70
CA THR B 203 -34.72 10.71 -15.93
C THR B 203 -34.29 12.17 -15.90
N PHE B 204 -34.28 12.80 -17.07
CA PHE B 204 -33.79 14.17 -17.16
C PHE B 204 -34.69 15.15 -16.42
N GLU B 205 -36.00 14.93 -16.49
CA GLU B 205 -36.94 15.76 -15.73
C GLU B 205 -36.63 15.65 -14.26
N GLN B 206 -36.49 14.41 -13.79
CA GLN B 206 -36.12 14.14 -12.39
C GLN B 206 -34.80 14.81 -12.01
N ILE B 207 -33.82 14.72 -12.90
CA ILE B 207 -32.53 15.37 -12.67
C ILE B 207 -32.69 16.88 -12.56
N SER B 208 -33.47 17.46 -13.47
CA SER B 208 -33.72 18.90 -13.45
C SER B 208 -34.44 19.30 -12.17
N GLN B 209 -35.29 18.40 -11.68
CA GLN B 209 -35.98 18.60 -10.42
C GLN B 209 -34.98 18.64 -9.27
N ALA B 210 -34.09 17.66 -9.24
CA ALA B 210 -33.07 17.60 -8.19
C ALA B 210 -32.20 18.86 -8.20
N VAL B 211 -31.90 19.36 -9.40
CA VAL B 211 -31.10 20.58 -9.57
C VAL B 211 -31.85 21.82 -9.08
N ALA B 212 -33.14 21.88 -9.34
CA ALA B 212 -33.98 22.97 -8.86
C ALA B 212 -33.84 23.09 -7.34
N LYS B 213 -33.80 21.94 -6.67
CA LYS B 213 -33.60 21.87 -5.23
C LYS B 213 -32.21 22.34 -4.84
N CYS B 214 -31.19 22.05 -5.66
CA CYS B 214 -29.84 22.56 -5.44
C CYS B 214 -29.84 24.08 -5.50
N HIS B 215 -30.63 24.63 -6.42
CA HIS B 215 -30.74 26.08 -6.54
C HIS B 215 -31.28 26.68 -5.25
N LYS B 216 -32.19 25.95 -4.59
CA LYS B 216 -32.82 26.46 -3.37
C LYS B 216 -31.90 26.27 -2.16
N LEU B 217 -30.87 25.44 -2.30
CA LEU B 217 -29.84 25.32 -1.27
C LEU B 217 -28.86 26.49 -1.40
N GLY B 218 -29.06 27.33 -2.41
CA GLY B 218 -28.24 28.51 -2.62
C GLY B 218 -27.21 28.44 -3.73
N VAL B 219 -27.19 27.32 -4.47
CA VAL B 219 -26.16 27.09 -5.49
C VAL B 219 -26.62 27.51 -6.89
N LYS B 220 -25.99 28.56 -7.41
CA LYS B 220 -26.38 29.15 -8.70
C LYS B 220 -26.12 28.26 -9.91
N GLN B 221 -25.01 27.51 -9.87
CA GLN B 221 -24.61 26.68 -11.01
C GLN B 221 -24.36 25.24 -10.60
N VAL B 222 -24.94 24.32 -11.35
CA VAL B 222 -24.72 22.92 -11.08
C VAL B 222 -24.21 22.24 -12.34
N LEU B 223 -23.07 21.56 -12.22
CA LEU B 223 -22.45 20.83 -13.31
C LEU B 223 -22.66 19.34 -13.08
N VAL B 224 -23.69 18.80 -13.71
CA VAL B 224 -24.05 17.42 -13.45
C VAL B 224 -23.30 16.47 -14.39
N LYS B 225 -22.67 15.45 -13.80
CA LYS B 225 -21.95 14.43 -14.53
C LYS B 225 -22.79 13.16 -14.60
N LEU B 226 -23.15 12.73 -15.80
CA LEU B 226 -24.08 11.62 -15.96
C LEU B 226 -23.39 10.37 -16.51
N GLY B 227 -22.07 10.28 -16.33
CA GLY B 227 -21.31 9.16 -16.84
C GLY B 227 -21.51 8.92 -18.33
N SER B 228 -21.94 7.72 -18.70
CA SER B 228 -22.21 7.38 -20.10
C SER B 228 -23.27 8.27 -20.73
N LYS B 229 -24.11 8.90 -19.91
CA LYS B 229 -25.23 9.68 -20.45
C LYS B 229 -24.83 11.13 -20.72
N GLY B 230 -23.56 11.44 -20.52
CA GLY B 230 -23.07 12.76 -20.83
C GLY B 230 -23.03 13.67 -19.61
N SER B 231 -23.31 14.94 -19.83
CA SER B 231 -23.26 15.92 -18.77
C SER B 231 -24.20 17.08 -19.07
N ALA B 232 -24.42 17.92 -18.07
CA ALA B 232 -25.21 19.14 -18.28
C ALA B 232 -24.82 20.23 -17.30
N LEU B 233 -24.77 21.46 -17.80
CA LEU B 233 -24.56 22.61 -16.96
C LEU B 233 -25.89 23.33 -16.74
N PHE B 234 -26.32 23.39 -15.49
CA PHE B 234 -27.51 24.12 -15.09
C PHE B 234 -27.12 25.45 -14.46
N ILE B 235 -27.59 26.54 -15.03
CA ILE B 235 -27.38 27.84 -14.45
C ILE B 235 -28.75 28.45 -14.13
N GLN B 236 -28.95 28.79 -12.86
CA GLN B 236 -30.25 29.27 -12.39
C GLN B 236 -30.76 30.47 -13.20
N GLY B 237 -31.94 30.32 -13.78
CA GLY B 237 -32.53 31.38 -14.57
C GLY B 237 -32.17 31.32 -16.04
N GLU B 238 -31.38 30.32 -16.43
CA GLU B 238 -31.01 30.13 -17.82
C GLU B 238 -31.38 28.74 -18.29
N LYS B 239 -31.31 28.52 -19.59
CA LYS B 239 -31.60 27.21 -20.15
C LYS B 239 -30.40 26.29 -19.94
N PRO B 240 -30.64 25.05 -19.54
CA PRO B 240 -29.54 24.10 -19.31
C PRO B 240 -28.77 23.83 -20.59
N ILE B 241 -27.47 23.54 -20.46
CA ILE B 241 -26.66 23.15 -21.61
C ILE B 241 -26.33 21.68 -21.46
N GLN B 242 -26.69 20.88 -22.46
CA GLN B 242 -26.44 19.44 -22.42
C GLN B 242 -25.29 19.07 -23.34
N GLN B 243 -24.54 18.04 -22.93
CA GLN B 243 -23.41 17.54 -23.69
C GLN B 243 -23.35 16.03 -23.57
N SER B 244 -23.46 15.32 -24.68
CA SER B 244 -23.37 13.85 -24.60
C SER B 244 -21.90 13.44 -24.47
N ILE B 245 -21.65 12.18 -24.15
CA ILE B 245 -20.26 11.74 -24.07
C ILE B 245 -19.60 11.84 -25.43
N ILE B 246 -18.29 12.05 -25.44
CA ILE B 246 -17.49 11.86 -26.64
C ILE B 246 -17.06 10.41 -26.61
N PRO B 247 -17.59 9.60 -27.53
CA PRO B 247 -17.32 8.15 -27.46
C PRO B 247 -15.82 7.85 -27.51
N ALA B 248 -15.42 6.85 -26.72
CA ALA B 248 -14.04 6.41 -26.64
C ALA B 248 -13.86 5.18 -27.54
N ALA B 249 -12.69 5.05 -28.17
CA ALA B 249 -12.41 3.88 -28.98
C ALA B 249 -12.44 2.64 -28.10
N GLN B 250 -11.88 2.77 -26.91
CA GLN B 250 -11.77 1.68 -25.95
C GLN B 250 -11.92 2.20 -24.53
N VAL B 251 -12.92 1.71 -23.82
CA VAL B 251 -13.02 2.02 -22.39
C VAL B 251 -12.16 1.04 -21.61
N VAL B 252 -11.00 1.50 -21.17
CA VAL B 252 -10.07 0.65 -20.45
C VAL B 252 -10.24 0.77 -18.94
N ASP B 253 -10.32 1.99 -18.44
CA ASP B 253 -10.37 2.24 -17.00
C ASP B 253 -10.99 3.61 -16.70
N THR B 254 -12.18 3.62 -16.12
CA THR B 254 -12.88 4.87 -15.86
C THR B 254 -12.39 5.59 -14.60
N THR B 255 -11.44 5.00 -13.89
CA THR B 255 -10.90 5.63 -12.69
C THR B 255 -10.34 7.02 -13.02
N GLY B 256 -10.80 8.03 -12.30
CA GLY B 256 -10.34 9.39 -12.48
C GLY B 256 -11.08 10.20 -13.54
N ALA B 257 -12.02 9.58 -14.24
CA ALA B 257 -12.73 10.27 -15.32
C ALA B 257 -13.55 11.44 -14.80
N GLY B 258 -14.24 11.23 -13.67
CA GLY B 258 -14.99 12.30 -13.03
C GLY B 258 -14.07 13.45 -12.65
N ASP B 259 -12.91 13.10 -12.10
CA ASP B 259 -11.90 14.12 -11.75
C ASP B 259 -11.39 14.87 -12.97
N THR B 260 -11.09 14.13 -14.04
CA THR B 260 -10.63 14.73 -15.28
C THR B 260 -11.69 15.68 -15.82
N PHE B 261 -12.94 15.23 -15.86
CA PHE B 261 -14.03 16.03 -16.41
C PHE B 261 -14.11 17.37 -15.66
N THR B 262 -14.13 17.29 -14.33
CA THR B 262 -14.29 18.48 -13.52
C THR B 262 -13.11 19.42 -13.67
N ALA B 263 -11.88 18.90 -13.62
CA ALA B 263 -10.70 19.76 -13.71
C ALA B 263 -10.56 20.40 -15.09
N ALA B 264 -10.93 19.65 -16.13
CA ALA B 264 -10.85 20.17 -17.50
C ALA B 264 -11.91 21.27 -17.72
N PHE B 265 -13.09 21.06 -17.17
CA PHE B 265 -14.12 22.09 -17.22
C PHE B 265 -13.56 23.37 -16.61
N ALA B 266 -12.91 23.22 -15.46
CA ALA B 266 -12.36 24.36 -14.73
C ALA B 266 -11.30 25.10 -15.53
N VAL B 267 -10.46 24.36 -16.24
CA VAL B 267 -9.40 24.98 -17.03
C VAL B 267 -10.02 25.76 -18.17
N ALA B 268 -10.97 25.14 -18.86
CA ALA B 268 -11.68 25.81 -19.93
C ALA B 268 -12.39 27.08 -19.41
N MET B 269 -13.02 26.96 -18.25
CA MET B 269 -13.71 28.10 -17.65
C MET B 269 -12.77 29.23 -17.27
N VAL B 270 -11.67 28.90 -16.59
CA VAL B 270 -10.74 29.95 -16.17
C VAL B 270 -10.04 30.58 -17.38
N GLU B 271 -10.02 29.87 -18.50
CA GLU B 271 -9.46 30.44 -19.73
C GLU B 271 -10.47 31.29 -20.50
N GLY B 272 -11.69 31.40 -19.98
CA GLY B 272 -12.67 32.31 -20.53
C GLY B 272 -13.47 31.75 -21.69
N LYS B 273 -13.44 30.44 -21.85
CA LYS B 273 -14.24 29.81 -22.89
C LYS B 273 -15.73 29.82 -22.51
N SER B 274 -16.59 29.77 -23.53
CA SER B 274 -18.04 29.73 -23.36
C SER B 274 -18.46 28.45 -22.67
N HIS B 275 -19.66 28.46 -22.06
CA HIS B 275 -20.12 27.31 -21.29
C HIS B 275 -20.19 26.05 -22.15
N GLU B 276 -20.67 26.22 -23.38
CA GLU B 276 -20.76 25.12 -24.33
C GLU B 276 -19.38 24.54 -24.64
N GLU B 277 -18.39 25.42 -24.82
CA GLU B 277 -17.03 25.02 -25.11
C GLU B 277 -16.42 24.31 -23.91
N CYS B 278 -16.71 24.83 -22.71
CA CYS B 278 -16.28 24.21 -21.47
C CYS B 278 -16.77 22.79 -21.35
N LEU B 279 -18.07 22.57 -21.55
CA LEU B 279 -18.62 21.21 -21.49
C LEU B 279 -17.99 20.29 -22.54
N ARG B 280 -17.78 20.82 -23.74
CA ARG B 280 -17.22 20.02 -24.83
C ARG B 280 -15.79 19.60 -24.52
N PHE B 281 -15.00 20.57 -24.07
CA PHE B 281 -13.62 20.37 -23.68
C PHE B 281 -13.50 19.33 -22.57
N ALA B 282 -14.37 19.44 -21.55
CA ALA B 282 -14.40 18.50 -20.43
C ALA B 282 -14.76 17.10 -20.90
N ALA B 283 -15.74 17.01 -21.79
CA ALA B 283 -16.18 15.72 -22.32
C ALA B 283 -15.06 15.04 -23.11
N ALA B 284 -14.30 15.83 -23.86
CA ALA B 284 -13.21 15.29 -24.65
C ALA B 284 -12.07 14.80 -23.75
N ALA B 285 -11.78 15.54 -22.67
CA ALA B 285 -10.71 15.12 -21.77
C ALA B 285 -11.11 13.81 -21.09
N ALA B 286 -12.37 13.74 -20.65
CA ALA B 286 -12.86 12.54 -19.98
C ALA B 286 -12.85 11.33 -20.92
N SER B 287 -13.14 11.58 -22.19
CA SER B 287 -13.13 10.53 -23.21
C SER B 287 -11.74 9.93 -23.35
N LEU B 288 -10.73 10.78 -23.32
CA LEU B 288 -9.35 10.29 -23.43
C LEU B 288 -8.89 9.57 -22.16
N CYS B 289 -9.25 10.14 -21.01
CA CYS B 289 -8.92 9.57 -19.71
C CYS B 289 -9.26 8.08 -19.61
N VAL B 290 -10.44 7.70 -20.07
CA VAL B 290 -10.94 6.35 -19.83
C VAL B 290 -10.26 5.29 -20.72
N GLN B 291 -9.40 5.73 -21.64
CA GLN B 291 -8.79 4.78 -22.57
C GLN B 291 -7.41 4.30 -22.10
N VAL B 292 -7.02 4.70 -20.89
CA VAL B 292 -5.72 4.35 -20.34
C VAL B 292 -5.91 3.93 -18.88
N LYS B 293 -5.09 2.98 -18.41
CA LYS B 293 -5.20 2.49 -17.03
C LYS B 293 -4.56 3.48 -16.06
N GLY B 294 -5.18 3.63 -14.89
CA GLY B 294 -4.66 4.55 -13.88
C GLY B 294 -5.27 5.92 -13.99
N ALA B 295 -5.44 6.61 -12.87
CA ALA B 295 -5.99 7.96 -12.90
C ALA B 295 -4.98 8.94 -13.48
N ILE B 296 -3.94 9.25 -12.72
CA ILE B 296 -2.95 10.25 -13.12
C ILE B 296 -2.17 9.91 -14.41
N PRO B 297 -1.77 8.63 -14.61
CA PRO B 297 -1.17 8.31 -15.92
C PRO B 297 -2.07 8.58 -17.13
N SER B 298 -3.38 8.53 -16.96
CA SER B 298 -4.29 8.69 -18.10
C SER B 298 -4.66 10.15 -18.42
N MET B 299 -4.18 11.10 -17.62
CA MET B 299 -4.51 12.51 -17.84
C MET B 299 -3.98 12.98 -19.20
N PRO B 300 -4.86 13.48 -20.07
CA PRO B 300 -4.44 13.85 -21.45
C PRO B 300 -3.75 15.22 -21.51
N ASP B 301 -2.91 15.46 -22.51
CA ASP B 301 -2.37 16.82 -22.63
C ASP B 301 -3.35 17.63 -23.46
N ARG B 302 -3.20 18.96 -23.42
CA ARG B 302 -4.15 19.85 -24.06
C ARG B 302 -4.28 19.60 -25.57
N LYS B 303 -3.18 19.39 -26.25
CA LYS B 303 -3.26 19.27 -27.71
C LYS B 303 -4.04 18.02 -28.12
N SER B 304 -3.97 16.96 -27.32
CA SER B 304 -4.76 15.75 -27.59
C SER B 304 -6.25 16.01 -27.40
N VAL B 305 -6.60 16.72 -26.33
CA VAL B 305 -8.00 17.06 -26.09
C VAL B 305 -8.55 17.91 -27.24
N LEU B 306 -7.79 18.92 -27.62
CA LEU B 306 -8.20 19.79 -28.73
C LEU B 306 -8.27 19.02 -30.06
N LYS B 307 -7.42 18.04 -30.25
CA LYS B 307 -7.48 17.25 -31.49
C LYS B 307 -8.74 16.39 -31.51
N LEU B 308 -9.07 15.79 -30.38
CA LEU B 308 -10.29 14.99 -30.28
C LEU B 308 -11.51 15.85 -30.53
N LEU B 309 -11.47 17.08 -30.03
CA LEU B 309 -12.58 18.02 -30.22
C LEU B 309 -12.81 18.36 -31.69
N LYS B 310 -11.72 18.65 -32.39
CA LYS B 310 -11.77 18.96 -33.81
C LYS B 310 -12.50 17.88 -34.60
N PHE B 311 -12.29 16.61 -34.25
CA PHE B 311 -12.79 15.51 -35.05
C PHE B 311 -13.99 14.77 -34.46
N SER B 312 -14.55 15.29 -33.38
CA SER B 312 -15.68 14.62 -32.74
C SER B 312 -16.94 15.48 -32.72
N ILE B 313 -16.77 16.78 -32.92
CA ILE B 313 -17.90 17.72 -32.93
C ILE B 313 -17.73 18.74 -34.06
O1 PG4 C . 5.22 -15.64 24.85
C1 PG4 C . 6.01 -15.54 23.65
C2 PG4 C . 5.20 -15.96 22.49
O2 PG4 C . 6.06 -16.28 21.38
C3 PG4 C . 5.46 -16.05 20.07
C4 PG4 C . 5.38 -17.38 19.32
O3 PG4 C . 6.07 -17.31 18.10
C5 PG4 C . 7.51 -17.21 18.21
C6 PG4 C . 8.04 -18.42 18.95
O4 PG4 C . 9.00 -19.15 18.18
C7 PG4 C . 10.19 -19.46 18.92
C8 PG4 C . 9.80 -20.12 20.22
O5 PG4 C . 10.20 -19.30 21.31
NA NA D . 7.05 -7.49 18.06
O1 PG4 E . -17.27 10.87 -18.54
C1 PG4 E . -18.67 11.00 -18.82
C2 PG4 E . -19.27 12.31 -18.41
O2 PG4 E . -18.79 12.73 -17.11
C3 PG4 E . -18.96 11.76 -16.03
C4 PG4 E . -17.59 11.45 -15.41
O3 PG4 E . -17.59 10.18 -14.80
C5 PG4 E . -18.12 9.12 -15.63
C6 PG4 E . -17.18 7.94 -15.71
O4 PG4 E . -17.77 6.97 -16.62
C7 PG4 E . -17.23 7.01 -17.94
C8 PG4 E . -18.33 6.81 -18.94
O5 PG4 E . -17.78 6.71 -20.25
NA NA F . -8.31 6.21 -16.62
#